data_6NVI
#
_entry.id   6NVI
#
_cell.length_a   63.740
_cell.length_b   63.740
_cell.length_c   182.260
_cell.angle_alpha   90.00
_cell.angle_beta   90.00
_cell.angle_gamma   90.00
#
_symmetry.space_group_name_H-M   'P 43 21 2'
#
loop_
_entity.id
_entity.type
_entity.pdbx_description
1 polymer 'Fibroblast growth factor receptor 4'
2 non-polymer N-[3-chloro-2-({5-[(2,6-dichloro-3,5-dimethoxyphenyl)methoxy]pyrimidin-2-yl}amino)-5-fluorophenyl]propanamide
3 non-polymer 'SULFATE ION'
4 water water
#
_entity_poly.entity_id   1
_entity_poly.type   'polypeptide(L)'
_entity_poly.pdbx_seq_one_letter_code
;MVSLDLPLDPLWEFPRDRLVLGKPLGEGCFGQVVRAEAFGMDPARPDQASTVAVKMLKDNASDKDLADLVSEMEVMKLIG
RHKNIINLLGVCTQEGPLYVIVECAAKGNLREFLRARRPPGSSEGPLSFPVLVSCAYQVARGMQYLESRKCIHRDLAARN
VLVTEDNVMKIADFGLARGVHHIDYYKKTSNGRLPVKWMAPEALFDRVYTHQSDVWSFGILLWEIFTLGGSPYPGIPVEE
LFSLLREGHRMDRPPHCPPELYGLMRECWHAAPSQRPTFKQLVEALDKVLLAVSHHHHHH
;
_entity_poly.pdbx_strand_id   A
#
loop_
_chem_comp.id
_chem_comp.type
_chem_comp.name
_chem_comp.formula
SO4 non-polymer 'SULFATE ION' 'O4 S -2'
XL7 non-polymer N-[3-chloro-2-({5-[(2,6-dichloro-3,5-dimethoxyphenyl)methoxy]pyrimidin-2-yl}amino)-5-fluorophenyl]propanamide 'C22 H20 Cl3 F N4 O4'
#
# COMPACT_ATOMS: atom_id res chain seq x y z
N ASP A 5 6.60 19.26 24.71
CA ASP A 5 6.05 19.16 23.32
C ASP A 5 5.04 18.01 23.23
N LEU A 6 5.48 16.83 22.79
CA LEU A 6 4.59 15.64 22.59
C LEU A 6 4.44 14.92 23.92
N PRO A 7 3.24 14.38 24.24
CA PRO A 7 3.04 13.61 25.46
C PRO A 7 3.53 12.16 25.28
N LEU A 8 3.99 11.55 26.37
CA LEU A 8 4.41 10.12 26.43
C LEU A 8 3.16 9.23 26.41
N ASP A 9 2.99 8.46 25.33
CA ASP A 9 2.01 7.37 25.22
C ASP A 9 2.68 6.07 25.70
N PRO A 10 2.27 5.62 26.85
CA PRO A 10 2.85 4.42 27.43
C PRO A 10 2.71 3.19 26.58
N LEU A 11 1.78 3.20 25.65
CA LEU A 11 1.57 2.03 24.84
C LEU A 11 2.49 1.93 23.64
N TRP A 12 3.15 3.01 23.29
CA TRP A 12 3.95 3.04 22.08
C TRP A 12 5.37 3.53 22.21
N GLU A 13 5.66 4.28 23.25
CA GLU A 13 7.01 4.87 23.45
C GLU A 13 8.03 3.74 23.49
N PHE A 14 9.14 3.90 22.77
CA PHE A 14 10.23 2.90 22.64
C PHE A 14 11.55 3.62 22.93
N PRO A 15 12.50 3.00 23.66
CA PRO A 15 13.66 3.73 24.16
C PRO A 15 14.56 4.17 22.98
N ARG A 16 14.78 5.49 22.89
CA ARG A 16 15.58 6.19 21.85
C ARG A 16 16.96 5.55 21.77
N ASP A 17 17.52 5.15 22.91
CA ASP A 17 18.90 4.59 23.07
C ASP A 17 18.93 3.14 22.56
N ARG A 18 17.76 2.52 22.32
CA ARG A 18 17.66 1.10 21.90
C ARG A 18 17.37 1.03 20.38
N LEU A 19 17.48 2.16 19.67
CA LEU A 19 17.34 2.24 18.19
C LEU A 19 18.62 2.81 17.58
N VAL A 20 19.35 2.02 16.79
CA VAL A 20 20.59 2.45 16.05
C VAL A 20 20.21 2.70 14.59
N LEU A 21 20.15 3.97 14.20
CA LEU A 21 19.77 4.44 12.84
C LEU A 21 20.87 4.04 11.85
N GLY A 22 20.51 3.75 10.60
CA GLY A 22 21.42 3.25 9.55
C GLY A 22 21.24 4.00 8.24
N LYS A 23 21.23 3.28 7.10
CA LYS A 23 21.21 3.86 5.73
C LYS A 23 19.87 4.56 5.48
N PRO A 24 19.85 5.75 4.84
CA PRO A 24 18.60 6.40 4.43
C PRO A 24 17.85 5.59 3.35
N LEU A 25 16.51 5.66 3.35
CA LEU A 25 15.66 4.94 2.38
C LEU A 25 15.00 5.91 1.40
N GLY A 26 14.85 7.20 1.76
CA GLY A 26 14.48 8.29 0.82
C GLY A 26 14.29 9.63 1.51
N GLU A 27 14.49 10.74 0.79
CA GLU A 27 14.50 12.13 1.33
C GLU A 27 13.35 12.95 0.69
N GLN A 32 12.53 12.70 5.92
CA GLN A 32 13.47 11.58 5.69
C GLN A 32 12.90 10.29 6.30
N VAL A 33 13.19 9.14 5.67
CA VAL A 33 12.99 7.78 6.24
C VAL A 33 14.34 7.05 6.23
N VAL A 34 14.68 6.43 7.36
CA VAL A 34 16.00 5.76 7.61
C VAL A 34 15.74 4.30 8.02
N ARG A 35 16.51 3.39 7.43
CA ARG A 35 16.78 2.02 7.93
C ARG A 35 17.37 2.14 9.33
N ALA A 36 16.89 1.35 10.30
CA ALA A 36 17.45 1.27 11.67
C ALA A 36 17.45 -0.18 12.18
N GLU A 37 18.30 -0.44 13.18
CA GLU A 37 18.24 -1.67 14.03
C GLU A 37 17.57 -1.27 15.35
N ALA A 38 16.44 -1.90 15.68
CA ALA A 38 15.79 -1.76 17.00
C ALA A 38 16.08 -3.02 17.82
N PHE A 39 16.59 -2.82 19.04
CA PHE A 39 16.85 -3.91 20.02
C PHE A 39 15.66 -3.91 21.01
N GLY A 40 14.81 -4.94 20.91
CA GLY A 40 13.75 -5.23 21.88
C GLY A 40 12.36 -4.92 21.37
N MET A 41 12.14 -5.01 20.05
CA MET A 41 10.78 -4.87 19.45
C MET A 41 9.94 -6.07 19.88
N ASP A 42 10.56 -7.22 20.16
CA ASP A 42 9.97 -8.38 20.87
C ASP A 42 10.20 -8.20 22.37
N PRO A 43 9.16 -7.93 23.19
CA PRO A 43 9.31 -7.89 24.64
C PRO A 43 9.73 -9.24 25.23
N ALA A 44 9.36 -10.35 24.57
CA ALA A 44 9.68 -11.74 24.97
C ALA A 44 11.20 -11.96 24.97
N ARG A 45 11.89 -11.58 23.88
CA ARG A 45 13.37 -11.61 23.75
C ARG A 45 13.86 -10.18 23.51
N PRO A 46 14.12 -9.38 24.58
CA PRO A 46 14.38 -7.95 24.44
C PRO A 46 15.83 -7.57 24.10
N ASP A 47 16.71 -8.56 23.94
CA ASP A 47 18.09 -8.39 23.39
C ASP A 47 18.03 -8.49 21.87
N GLN A 48 17.05 -9.23 21.34
CA GLN A 48 16.91 -9.56 19.90
C GLN A 48 16.77 -8.25 19.11
N ALA A 49 17.59 -8.09 18.07
CA ALA A 49 17.55 -6.96 17.11
C ALA A 49 16.58 -7.29 15.98
N SER A 50 15.99 -6.27 15.37
CA SER A 50 15.23 -6.39 14.09
C SER A 50 15.46 -5.11 13.28
N THR A 51 15.37 -5.23 11.96
CA THR A 51 15.50 -4.11 11.00
C THR A 51 14.12 -3.46 10.87
N VAL A 52 14.05 -2.15 11.07
CA VAL A 52 12.80 -1.36 10.97
C VAL A 52 13.06 -0.13 10.10
N ALA A 53 12.00 0.61 9.79
CA ALA A 53 12.08 1.89 9.08
C ALA A 53 11.57 2.98 10.04
N VAL A 54 12.26 4.12 10.04
CA VAL A 54 11.97 5.27 10.94
C VAL A 54 11.67 6.50 10.11
N LYS A 55 10.46 7.04 10.21
CA LYS A 55 10.10 8.37 9.66
C LYS A 55 10.47 9.44 10.71
N MET A 56 11.14 10.50 10.25
CA MET A 56 11.52 11.69 11.05
C MET A 56 11.51 12.92 10.13
N LEU A 57 11.51 14.12 10.71
CA LEU A 57 11.54 15.41 9.97
C LEU A 57 12.99 15.81 9.69
N LYS A 58 13.24 16.42 8.53
CA LYS A 58 14.52 17.10 8.19
C LYS A 58 14.52 18.49 8.84
N ASP A 59 15.69 19.13 8.91
CA ASP A 59 16.00 20.27 9.81
C ASP A 59 15.19 21.51 9.42
N ASN A 60 14.75 21.60 8.16
CA ASN A 60 14.06 22.78 7.57
C ASN A 60 12.55 22.53 7.51
N ALA A 61 12.01 21.70 8.40
CA ALA A 61 10.56 21.36 8.48
C ALA A 61 9.84 22.43 9.33
N SER A 62 8.62 22.78 8.93
CA SER A 62 7.75 23.79 9.60
C SER A 62 6.89 23.11 10.68
N ASP A 63 6.19 23.91 11.48
CA ASP A 63 5.30 23.45 12.58
C ASP A 63 4.18 22.59 11.98
N LYS A 64 3.74 22.92 10.75
CA LYS A 64 2.70 22.16 10.00
C LYS A 64 3.26 20.78 9.62
N ASP A 65 4.57 20.68 9.37
CA ASP A 65 5.25 19.42 8.97
C ASP A 65 5.26 18.46 10.16
N LEU A 66 5.55 18.98 11.37
CA LEU A 66 5.42 18.24 12.65
C LEU A 66 3.98 17.73 12.81
N ALA A 67 3.00 18.64 12.73
CA ALA A 67 1.56 18.34 12.87
C ALA A 67 1.17 17.15 11.99
N ASP A 68 1.69 17.10 10.76
CA ASP A 68 1.31 16.09 9.74
C ASP A 68 1.86 14.71 10.13
N LEU A 69 3.08 14.69 10.69
CA LEU A 69 3.76 13.44 11.12
C LEU A 69 3.10 12.93 12.40
N VAL A 70 2.81 13.80 13.37
CA VAL A 70 2.00 13.45 14.58
C VAL A 70 0.70 12.80 14.11
N SER A 71 0.01 13.44 13.17
CA SER A 71 -1.29 13.01 12.64
C SER A 71 -1.17 11.61 12.01
N GLU A 72 -0.09 11.33 11.28
CA GLU A 72 0.12 10.00 10.66
C GLU A 72 0.33 8.95 11.77
N MET A 73 1.18 9.26 12.75
CA MET A 73 1.43 8.42 13.95
C MET A 73 0.11 8.10 14.66
N GLU A 74 -0.69 9.12 14.97
CA GLU A 74 -1.95 8.96 15.75
C GLU A 74 -2.94 8.14 14.94
N VAL A 75 -3.01 8.34 13.62
CA VAL A 75 -3.93 7.57 12.75
C VAL A 75 -3.49 6.09 12.74
N MET A 76 -2.20 5.81 12.66
CA MET A 76 -1.73 4.41 12.59
C MET A 76 -2.01 3.69 13.93
N LYS A 77 -1.84 4.40 15.05
CA LYS A 77 -2.18 3.87 16.39
C LYS A 77 -3.62 3.35 16.40
N LEU A 78 -4.53 4.14 15.83
CA LEU A 78 -5.98 3.94 15.97
C LEU A 78 -6.46 2.84 15.02
N ILE A 79 -5.88 2.74 13.84
CA ILE A 79 -6.28 1.70 12.83
C ILE A 79 -5.92 0.31 13.39
N GLY A 80 -4.80 0.17 14.11
CA GLY A 80 -4.39 -1.10 14.73
C GLY A 80 -3.63 -1.97 13.74
N ARG A 81 -3.34 -3.22 14.08
CA ARG A 81 -2.52 -4.05 13.25
C ARG A 81 -3.18 -5.12 12.41
N HIS A 82 -2.52 -5.40 11.30
CA HIS A 82 -2.98 -6.44 10.33
C HIS A 82 -1.76 -6.98 9.60
N LYS A 83 -1.79 -8.29 9.32
CA LYS A 83 -0.79 -9.04 8.52
C LYS A 83 -0.40 -8.26 7.25
N ASN A 84 -1.36 -7.54 6.63
CA ASN A 84 -1.24 -7.07 5.23
C ASN A 84 -1.20 -5.53 5.18
N ILE A 85 -0.79 -4.89 6.27
CA ILE A 85 -0.42 -3.44 6.26
C ILE A 85 0.96 -3.29 6.92
N ILE A 86 1.69 -2.24 6.54
CA ILE A 86 2.94 -1.80 7.20
C ILE A 86 2.56 -1.32 8.61
N ASN A 87 2.96 -2.03 9.66
CA ASN A 87 2.45 -1.76 11.02
C ASN A 87 3.37 -0.76 11.73
N LEU A 88 2.76 0.08 12.58
CA LEU A 88 3.45 0.87 13.64
C LEU A 88 4.08 -0.09 14.66
N LEU A 89 5.34 0.11 15.00
CA LEU A 89 6.04 -0.73 16.02
C LEU A 89 6.31 0.06 17.30
N GLY A 90 6.45 1.39 17.20
CA GLY A 90 6.78 2.25 18.36
C GLY A 90 7.17 3.66 17.95
N VAL A 91 7.32 4.54 18.94
CA VAL A 91 7.60 6.00 18.73
C VAL A 91 8.63 6.47 19.75
N CYS A 92 9.43 7.46 19.38
CA CYS A 92 10.31 8.25 20.27
C CYS A 92 9.85 9.71 20.24
N THR A 93 9.20 10.17 21.32
CA THR A 93 8.49 11.47 21.38
C THR A 93 9.18 12.43 22.34
N GLN A 94 10.08 11.95 23.20
CA GLN A 94 10.52 12.65 24.44
C GLN A 94 12.00 13.03 24.30
N GLU A 95 12.35 14.22 24.80
CA GLU A 95 13.73 14.76 24.92
C GLU A 95 14.54 14.34 23.68
N GLY A 96 14.08 14.76 22.50
CA GLY A 96 14.75 14.45 21.22
C GLY A 96 13.77 14.55 20.04
N PRO A 97 14.27 14.38 18.79
CA PRO A 97 13.41 14.47 17.61
C PRO A 97 12.36 13.34 17.51
N LEU A 98 11.20 13.66 16.92
CA LEU A 98 10.08 12.69 16.77
C LEU A 98 10.48 11.62 15.77
N TYR A 99 10.52 10.36 16.24
CA TYR A 99 10.70 9.15 15.39
C TYR A 99 9.39 8.37 15.41
N VAL A 100 8.90 8.00 14.22
CA VAL A 100 7.80 7.01 14.03
C VAL A 100 8.41 5.75 13.41
N ILE A 101 8.34 4.63 14.13
CA ILE A 101 9.00 3.35 13.75
C ILE A 101 7.95 2.40 13.18
N VAL A 102 8.21 1.82 12.01
CA VAL A 102 7.28 0.87 11.34
C VAL A 102 8.06 -0.35 10.83
N GLU A 103 7.32 -1.38 10.39
CA GLU A 103 7.90 -2.60 9.77
C GLU A 103 8.68 -2.20 8.51
N CYS A 104 9.81 -2.83 8.27
CA CYS A 104 10.65 -2.66 7.05
C CYS A 104 10.54 -3.94 6.22
N ALA A 105 9.88 -3.88 5.05
CA ALA A 105 9.69 -5.03 4.14
C ALA A 105 10.91 -5.16 3.23
N ALA A 106 11.58 -6.32 3.27
CA ALA A 106 12.97 -6.52 2.79
C ALA A 106 13.05 -6.44 1.26
N LYS A 107 11.97 -6.74 0.54
CA LYS A 107 11.98 -6.94 -0.93
C LYS A 107 11.44 -5.71 -1.68
N GLY A 108 11.16 -4.62 -0.94
CA GLY A 108 10.78 -3.34 -1.55
C GLY A 108 9.33 -3.35 -2.00
N ASN A 109 8.98 -2.54 -3.00
CA ASN A 109 7.56 -2.34 -3.39
C ASN A 109 7.18 -3.37 -4.47
N LEU A 110 5.89 -3.64 -4.58
CA LEU A 110 5.32 -4.75 -5.39
C LEU A 110 5.64 -4.52 -6.86
N ARG A 111 5.69 -3.26 -7.30
CA ARG A 111 6.01 -2.94 -8.73
C ARG A 111 7.41 -3.48 -9.08
N GLU A 112 8.44 -3.06 -8.33
CA GLU A 112 9.85 -3.41 -8.61
C GLU A 112 10.04 -4.91 -8.37
N PHE A 113 9.24 -5.48 -7.46
CA PHE A 113 9.31 -6.90 -7.08
C PHE A 113 8.97 -7.73 -8.31
N LEU A 114 7.82 -7.42 -8.95
CA LEU A 114 7.32 -8.12 -10.16
C LEU A 114 8.25 -7.87 -11.34
N ARG A 115 8.68 -6.62 -11.54
CA ARG A 115 9.49 -6.21 -12.74
C ARG A 115 10.84 -6.92 -12.73
N ALA A 116 11.39 -7.22 -11.55
CA ALA A 116 12.69 -7.89 -11.39
C ALA A 116 12.53 -9.41 -11.58
N ARG A 117 11.30 -9.93 -11.45
CA ARG A 117 11.00 -11.39 -11.61
C ARG A 117 10.37 -11.65 -13.00
N ARG A 118 10.49 -10.71 -13.94
CA ARG A 118 10.13 -10.92 -15.37
C ARG A 118 11.11 -11.91 -16.00
N PRO A 119 10.59 -12.97 -16.59
CA PRO A 119 11.47 -13.92 -17.27
C PRO A 119 11.97 -13.32 -18.57
N PRO A 120 13.03 -13.89 -19.11
CA PRO A 120 13.58 -13.39 -20.36
C PRO A 120 12.56 -13.39 -21.49
N SER A 123 9.72 -16.96 -22.04
CA SER A 123 9.90 -18.17 -21.19
C SER A 123 9.13 -18.03 -19.87
N GLU A 124 8.98 -19.14 -19.14
CA GLU A 124 8.29 -19.22 -17.82
C GLU A 124 9.18 -18.58 -16.74
N GLY A 125 8.57 -17.81 -15.84
CA GLY A 125 9.27 -17.09 -14.76
C GLY A 125 8.93 -17.65 -13.39
N PRO A 126 9.75 -17.38 -12.36
CA PRO A 126 9.51 -17.93 -11.02
C PRO A 126 8.24 -17.44 -10.31
N LEU A 127 7.39 -16.65 -10.99
CA LEU A 127 6.10 -16.14 -10.43
C LEU A 127 4.92 -16.88 -11.06
N SER A 128 4.44 -17.93 -10.39
CA SER A 128 3.29 -18.76 -10.83
C SER A 128 1.98 -17.97 -10.68
N PHE A 129 0.95 -18.40 -11.39
CA PHE A 129 -0.46 -17.92 -11.29
C PHE A 129 -0.89 -17.92 -9.82
N PRO A 130 -0.82 -19.05 -9.09
CA PRO A 130 -1.22 -19.08 -7.68
C PRO A 130 -0.57 -17.96 -6.84
N VAL A 131 0.73 -17.72 -7.07
CA VAL A 131 1.52 -16.71 -6.31
C VAL A 131 0.99 -15.31 -6.65
N LEU A 132 0.71 -15.05 -7.93
CA LEU A 132 0.17 -13.74 -8.38
C LEU A 132 -1.23 -13.49 -7.81
N VAL A 133 -2.13 -14.48 -7.89
CA VAL A 133 -3.48 -14.41 -7.26
C VAL A 133 -3.30 -14.16 -5.77
N SER A 134 -2.34 -14.84 -5.14
CA SER A 134 -2.03 -14.71 -3.69
C SER A 134 -1.69 -13.25 -3.34
N CYS A 135 -0.85 -12.59 -4.15
CA CYS A 135 -0.50 -11.15 -4.01
C CYS A 135 -1.77 -10.30 -4.04
N ALA A 136 -2.64 -10.54 -5.01
CA ALA A 136 -3.92 -9.82 -5.16
C ALA A 136 -4.80 -10.05 -3.92
N TYR A 137 -4.97 -11.30 -3.50
CA TYR A 137 -5.79 -11.70 -2.32
C TYR A 137 -5.30 -10.98 -1.06
N GLN A 138 -3.98 -10.95 -0.84
CA GLN A 138 -3.36 -10.32 0.35
C GLN A 138 -3.64 -8.82 0.37
N VAL A 139 -3.51 -8.15 -0.79
CA VAL A 139 -3.86 -6.71 -0.88
C VAL A 139 -5.36 -6.50 -0.62
N ALA A 140 -6.23 -7.34 -1.16
CA ALA A 140 -7.69 -7.25 -0.91
C ALA A 140 -7.95 -7.37 0.59
N ARG A 141 -7.28 -8.33 1.26
CA ARG A 141 -7.43 -8.55 2.74
C ARG A 141 -6.99 -7.30 3.52
N GLY A 142 -5.82 -6.75 3.17
CA GLY A 142 -5.32 -5.49 3.72
C GLY A 142 -6.35 -4.38 3.60
N MET A 143 -6.90 -4.21 2.39
CA MET A 143 -7.82 -3.08 2.10
C MET A 143 -9.14 -3.29 2.85
N GLN A 144 -9.61 -4.54 2.96
CA GLN A 144 -10.86 -4.88 3.69
C GLN A 144 -10.68 -4.49 5.16
N TYR A 145 -9.51 -4.74 5.71
CA TYR A 145 -9.16 -4.33 7.09
C TYR A 145 -9.23 -2.80 7.21
N LEU A 146 -8.46 -2.07 6.39
CA LEU A 146 -8.36 -0.59 6.47
C LEU A 146 -9.78 -0.02 6.34
N GLU A 147 -10.58 -0.61 5.46
CA GLU A 147 -11.99 -0.20 5.23
C GLU A 147 -12.75 -0.36 6.56
N SER A 148 -12.56 -1.49 7.26
CA SER A 148 -13.28 -1.78 8.53
C SER A 148 -12.84 -0.79 9.61
N ARG A 149 -11.64 -0.22 9.48
CA ARG A 149 -11.14 0.84 10.40
C ARG A 149 -11.41 2.22 9.79
N LYS A 150 -12.29 2.32 8.79
CA LYS A 150 -12.76 3.61 8.23
C LYS A 150 -11.58 4.40 7.64
N CYS A 151 -10.61 3.71 7.04
CA CYS A 151 -9.45 4.29 6.33
C CYS A 151 -9.67 4.20 4.80
N ILE A 152 -9.85 5.35 4.14
CA ILE A 152 -9.77 5.46 2.65
C ILE A 152 -8.31 5.74 2.26
N HIS A 153 -7.70 4.86 1.46
CA HIS A 153 -6.27 4.93 1.09
C HIS A 153 -6.04 6.15 0.18
N ARG A 154 -6.65 6.16 -1.00
CA ARG A 154 -6.69 7.30 -1.97
C ARG A 154 -5.57 7.16 -3.01
N ASP A 155 -4.59 6.27 -2.82
CA ASP A 155 -3.48 6.11 -3.79
C ASP A 155 -3.03 4.65 -3.79
N LEU A 156 -3.97 3.72 -3.83
CA LEU A 156 -3.65 2.27 -3.92
C LEU A 156 -3.03 2.02 -5.30
N ALA A 157 -1.83 1.48 -5.33
CA ALA A 157 -1.05 1.18 -6.55
C ALA A 157 0.04 0.20 -6.15
N ALA A 158 0.61 -0.57 -7.08
CA ALA A 158 1.68 -1.55 -6.79
C ALA A 158 2.87 -0.85 -6.10
N ARG A 159 3.14 0.41 -6.42
CA ARG A 159 4.27 1.18 -5.82
C ARG A 159 4.03 1.39 -4.32
N ASN A 160 2.77 1.43 -3.87
CA ASN A 160 2.41 1.65 -2.45
C ASN A 160 2.03 0.31 -1.81
N VAL A 161 2.51 -0.81 -2.35
CA VAL A 161 2.39 -2.14 -1.67
C VAL A 161 3.81 -2.68 -1.55
N LEU A 162 4.24 -3.02 -0.34
CA LEU A 162 5.60 -3.52 -0.06
C LEU A 162 5.52 -5.03 0.19
N VAL A 163 6.65 -5.72 0.00
CA VAL A 163 6.79 -7.20 0.00
C VAL A 163 7.86 -7.60 1.02
N THR A 164 7.51 -8.46 1.97
CA THR A 164 8.41 -8.93 3.06
C THR A 164 9.32 -10.05 2.54
N GLU A 165 10.25 -10.50 3.39
CA GLU A 165 11.20 -11.61 3.11
C GLU A 165 10.42 -12.91 2.82
N ASP A 166 9.18 -13.05 3.32
CA ASP A 166 8.35 -14.27 3.14
C ASP A 166 7.22 -13.98 2.14
N ASN A 167 7.40 -13.00 1.25
CA ASN A 167 6.47 -12.67 0.15
C ASN A 167 5.06 -12.37 0.68
N VAL A 168 4.96 -11.73 1.85
CA VAL A 168 3.67 -11.19 2.39
C VAL A 168 3.50 -9.78 1.83
N MET A 169 2.30 -9.42 1.39
CA MET A 169 1.98 -8.06 0.90
C MET A 169 1.56 -7.16 2.06
N LYS A 170 2.13 -5.95 2.12
CA LYS A 170 1.81 -4.94 3.16
C LYS A 170 1.55 -3.59 2.48
N ILE A 171 0.33 -3.09 2.61
CA ILE A 171 -0.09 -1.77 2.07
C ILE A 171 0.70 -0.70 2.79
N ALA A 172 1.32 0.22 2.05
CA ALA A 172 2.13 1.32 2.59
C ALA A 172 1.27 2.59 2.62
N ASP A 173 1.64 3.55 3.46
CA ASP A 173 1.23 4.97 3.35
C ASP A 173 -0.29 5.16 3.46
N PHE A 174 -0.98 4.35 4.25
CA PHE A 174 -2.47 4.41 4.37
C PHE A 174 -2.88 5.49 5.38
N GLY A 175 -1.94 6.26 5.93
CA GLY A 175 -2.22 7.23 6.99
C GLY A 175 -1.78 8.66 6.70
N LEU A 176 -1.37 8.96 5.45
CA LEU A 176 -0.84 10.31 5.07
C LEU A 176 -1.88 11.41 5.32
N ALA A 177 -1.42 12.62 5.64
CA ALA A 177 -2.24 13.85 5.77
C ALA A 177 -2.42 14.50 4.38
N ARG A 178 -1.94 15.73 4.19
CA ARG A 178 -1.87 16.43 2.87
C ARG A 178 -0.41 16.77 2.56
N GLY A 179 0.38 15.76 2.15
CA GLY A 179 1.81 15.89 1.82
C GLY A 179 2.20 15.04 0.63
N VAL A 180 3.10 15.57 -0.23
CA VAL A 180 3.56 14.93 -1.50
C VAL A 180 4.52 13.78 -1.15
N LEU A 194 -0.23 14.28 -10.35
CA LEU A 194 -1.05 13.31 -9.59
C LEU A 194 -1.17 12.00 -10.36
N PRO A 195 -1.37 10.86 -9.66
CA PRO A 195 -1.44 9.54 -10.30
C PRO A 195 -2.80 9.26 -10.94
N VAL A 196 -3.11 10.03 -11.99
CA VAL A 196 -4.42 10.06 -12.71
C VAL A 196 -4.84 8.61 -13.05
N LYS A 197 -3.93 7.85 -13.63
CA LYS A 197 -4.20 6.50 -14.12
C LYS A 197 -4.78 5.50 -13.15
N TRP A 198 -4.60 5.77 -11.88
CA TRP A 198 -5.07 4.88 -10.79
C TRP A 198 -6.41 5.39 -10.23
N MET A 199 -6.80 6.63 -10.54
CA MET A 199 -7.97 7.31 -9.93
C MET A 199 -9.27 6.89 -10.62
N ALA A 200 -10.28 6.57 -9.83
CA ALA A 200 -11.68 6.42 -10.26
C ALA A 200 -12.15 7.73 -10.86
N PRO A 201 -13.12 7.67 -11.79
CA PRO A 201 -13.63 8.86 -12.44
C PRO A 201 -14.15 9.94 -11.46
N GLU A 202 -14.82 9.51 -10.38
CA GLU A 202 -15.50 10.46 -9.45
C GLU A 202 -14.40 11.22 -8.69
N ALA A 203 -13.22 10.60 -8.58
CA ALA A 203 -12.01 11.22 -7.99
C ALA A 203 -11.43 12.22 -8.98
N LEU A 204 -11.16 11.77 -10.18
CA LEU A 204 -10.63 12.58 -11.24
C LEU A 204 -11.43 13.83 -11.45
N PHE A 205 -12.71 13.66 -11.69
CA PHE A 205 -13.55 14.77 -12.00
C PHE A 205 -14.12 15.54 -10.81
N ASP A 206 -14.72 14.83 -9.87
CA ASP A 206 -15.36 15.46 -8.70
C ASP A 206 -14.55 15.57 -7.40
N ARG A 207 -13.30 15.12 -7.41
CA ARG A 207 -12.42 15.12 -6.25
C ARG A 207 -12.98 14.34 -5.03
N VAL A 208 -13.96 13.49 -5.31
CA VAL A 208 -14.67 12.58 -4.35
C VAL A 208 -13.89 11.28 -4.24
N TYR A 209 -13.32 10.99 -3.06
CA TYR A 209 -12.64 9.70 -2.74
C TYR A 209 -13.49 8.91 -1.74
N THR A 210 -13.83 7.67 -2.09
CA THR A 210 -14.55 6.72 -1.20
C THR A 210 -13.83 5.38 -1.23
N HIS A 211 -14.37 4.42 -0.48
CA HIS A 211 -13.89 3.00 -0.48
C HIS A 211 -14.08 2.45 -1.88
N GLN A 212 -15.16 2.84 -2.53
N GLN A 212 -15.15 2.85 -2.54
CA GLN A 212 -15.46 2.40 -3.87
CA GLN A 212 -15.46 2.40 -3.86
C GLN A 212 -14.44 2.92 -4.87
C GLN A 212 -14.47 2.92 -4.88
N SER A 213 -13.99 4.13 -4.70
CA SER A 213 -12.92 4.69 -5.58
C SER A 213 -11.61 3.92 -5.35
N ASP A 214 -11.34 3.48 -4.11
CA ASP A 214 -10.19 2.57 -3.82
C ASP A 214 -10.39 1.25 -4.58
N VAL A 215 -11.62 0.78 -4.79
CA VAL A 215 -11.90 -0.49 -5.51
C VAL A 215 -11.46 -0.31 -6.97
N TRP A 216 -11.69 0.87 -7.52
CA TRP A 216 -11.24 1.18 -8.90
C TRP A 216 -9.73 1.01 -8.95
N SER A 217 -9.02 1.59 -7.98
CA SER A 217 -7.54 1.58 -7.92
C SER A 217 -7.04 0.14 -7.77
N PHE A 218 -7.78 -0.69 -7.02
CA PHE A 218 -7.48 -2.12 -6.86
C PHE A 218 -7.50 -2.81 -8.23
N GLY A 219 -8.53 -2.55 -9.04
CA GLY A 219 -8.64 -3.08 -10.42
C GLY A 219 -7.39 -2.76 -11.24
N ILE A 220 -6.92 -1.51 -11.17
CA ILE A 220 -5.66 -1.08 -11.86
C ILE A 220 -4.50 -1.90 -11.29
N LEU A 221 -4.48 -2.14 -9.98
CA LEU A 221 -3.35 -2.86 -9.34
C LEU A 221 -3.37 -4.32 -9.80
N LEU A 222 -4.56 -4.91 -9.92
CA LEU A 222 -4.74 -6.29 -10.45
C LEU A 222 -4.01 -6.40 -11.80
N TRP A 223 -4.20 -5.41 -12.65
CA TRP A 223 -3.62 -5.33 -14.01
C TRP A 223 -2.10 -5.22 -13.92
N GLU A 224 -1.61 -4.40 -12.99
CA GLU A 224 -0.16 -4.26 -12.67
C GLU A 224 0.40 -5.63 -12.32
N ILE A 225 -0.33 -6.42 -11.54
CA ILE A 225 0.17 -7.73 -11.05
C ILE A 225 0.28 -8.68 -12.24
N PHE A 226 -0.74 -8.72 -13.11
CA PHE A 226 -0.81 -9.69 -14.22
C PHE A 226 -0.10 -9.17 -15.46
N THR A 227 0.52 -7.97 -15.41
CA THR A 227 1.54 -7.54 -16.43
C THR A 227 2.93 -7.56 -15.81
N LEU A 228 3.07 -8.07 -14.58
CA LEU A 228 4.36 -8.12 -13.86
C LEU A 228 4.93 -6.70 -13.75
N GLY A 229 4.07 -5.77 -13.32
CA GLY A 229 4.44 -4.37 -13.01
C GLY A 229 4.49 -3.52 -14.26
N GLY A 230 3.57 -3.78 -15.20
CA GLY A 230 3.36 -2.95 -16.39
C GLY A 230 2.79 -1.59 -16.04
N SER A 231 3.08 -0.60 -16.88
CA SER A 231 2.58 0.81 -16.82
C SER A 231 1.19 0.88 -17.44
N PRO A 232 0.15 1.31 -16.68
CA PRO A 232 -1.23 1.33 -17.17
C PRO A 232 -1.49 2.28 -18.36
N TYR A 233 -2.49 1.96 -19.18
CA TYR A 233 -2.84 2.71 -20.43
C TYR A 233 -1.57 2.97 -21.22
N PRO A 234 -0.90 1.89 -21.69
CA PRO A 234 0.37 2.01 -22.41
C PRO A 234 0.34 3.02 -23.57
N GLY A 235 1.10 4.10 -23.44
CA GLY A 235 1.42 5.06 -24.53
C GLY A 235 0.41 6.18 -24.65
N ILE A 236 -0.71 6.08 -23.93
CA ILE A 236 -1.92 6.95 -24.08
C ILE A 236 -1.73 8.20 -23.23
N PRO A 237 -1.45 9.38 -23.81
CA PRO A 237 -1.16 10.56 -23.00
C PRO A 237 -2.32 10.83 -22.02
N VAL A 238 -2.01 11.34 -20.82
CA VAL A 238 -2.98 11.57 -19.72
C VAL A 238 -4.18 12.37 -20.26
N GLU A 239 -3.93 13.23 -21.24
CA GLU A 239 -4.95 14.11 -21.88
C GLU A 239 -6.08 13.26 -22.49
N GLU A 240 -5.78 12.06 -23.00
CA GLU A 240 -6.71 11.20 -23.77
C GLU A 240 -7.44 10.21 -22.86
N LEU A 241 -6.99 10.04 -21.61
CA LEU A 241 -7.49 8.98 -20.68
C LEU A 241 -8.94 9.26 -20.30
N PHE A 242 -9.17 10.51 -19.84
CA PHE A 242 -10.49 11.06 -19.41
C PHE A 242 -11.58 10.72 -20.45
N SER A 243 -11.32 11.01 -21.72
CA SER A 243 -12.35 10.88 -22.78
C SER A 243 -12.51 9.40 -23.17
N LEU A 244 -11.43 8.60 -22.98
CA LEU A 244 -11.42 7.14 -23.23
C LEU A 244 -12.33 6.46 -22.18
N LEU A 245 -12.29 6.93 -20.94
CA LEU A 245 -13.07 6.35 -19.81
C LEU A 245 -14.55 6.73 -19.93
N ARG A 246 -14.82 7.96 -20.39
CA ARG A 246 -16.21 8.48 -20.56
C ARG A 246 -16.88 7.75 -21.71
N GLU A 247 -16.08 7.22 -22.65
CA GLU A 247 -16.54 6.51 -23.88
C GLU A 247 -16.76 5.03 -23.55
N GLY A 248 -16.41 4.59 -22.34
CA GLY A 248 -16.67 3.23 -21.87
C GLY A 248 -15.57 2.23 -22.31
N HIS A 249 -14.36 2.84 -22.57
CA HIS A 249 -13.12 2.09 -22.90
C HIS A 249 -12.31 1.84 -21.61
N ARG A 250 -11.65 0.68 -21.56
CA ARG A 250 -10.86 0.18 -20.41
C ARG A 250 -9.61 -0.51 -20.96
N MET A 251 -8.62 -0.81 -20.12
CA MET A 251 -7.41 -1.58 -20.52
C MET A 251 -7.86 -2.97 -21.00
N ASP A 252 -7.20 -3.49 -22.03
CA ASP A 252 -7.47 -4.83 -22.60
C ASP A 252 -6.91 -5.90 -21.66
N ARG A 253 -7.45 -7.11 -21.73
CA ARG A 253 -6.93 -8.30 -21.00
C ARG A 253 -5.44 -8.47 -21.31
N PRO A 254 -4.58 -8.50 -20.27
CA PRO A 254 -3.15 -8.75 -20.48
C PRO A 254 -2.85 -10.15 -21.01
N PRO A 255 -1.69 -10.33 -21.69
CA PRO A 255 -1.44 -11.53 -22.49
C PRO A 255 -1.95 -12.86 -21.90
N HIS A 256 -1.54 -13.21 -20.69
CA HIS A 256 -1.73 -14.59 -20.14
C HIS A 256 -2.83 -14.62 -19.07
N CYS A 257 -3.31 -13.45 -18.64
CA CYS A 257 -4.41 -13.26 -17.65
C CYS A 257 -5.61 -14.14 -17.98
N PRO A 258 -5.98 -15.11 -17.11
CA PRO A 258 -7.23 -15.84 -17.28
C PRO A 258 -8.44 -14.91 -17.28
N PRO A 259 -9.52 -15.28 -18.00
CA PRO A 259 -10.72 -14.44 -18.11
C PRO A 259 -11.37 -14.08 -16.77
N GLU A 260 -11.39 -15.01 -15.84
CA GLU A 260 -12.01 -14.76 -14.57
C GLU A 260 -11.37 -13.58 -13.90
N LEU A 261 -10.08 -13.45 -14.08
CA LEU A 261 -9.37 -12.35 -13.46
C LEU A 261 -9.58 -11.04 -14.18
N TYR A 262 -9.68 -11.08 -15.50
CA TYR A 262 -9.94 -9.88 -16.26
C TYR A 262 -11.33 -9.41 -15.86
N GLY A 263 -12.24 -10.34 -15.71
CA GLY A 263 -13.64 -10.07 -15.33
C GLY A 263 -13.72 -9.28 -14.03
N LEU A 264 -12.90 -9.67 -13.05
CA LEU A 264 -12.76 -8.93 -11.76
C LEU A 264 -12.28 -7.51 -12.03
N MET A 265 -11.19 -7.34 -12.79
CA MET A 265 -10.67 -6.01 -13.15
C MET A 265 -11.80 -5.15 -13.71
N ARG A 266 -12.57 -5.70 -14.66
CA ARG A 266 -13.64 -4.95 -15.37
C ARG A 266 -14.68 -4.50 -14.33
N GLU A 267 -15.07 -5.40 -13.41
CA GLU A 267 -16.10 -5.09 -12.39
C GLU A 267 -15.59 -3.90 -11.56
N CYS A 268 -14.30 -3.86 -11.25
CA CYS A 268 -13.66 -2.76 -10.48
C CYS A 268 -13.78 -1.45 -11.27
N TRP A 269 -13.90 -1.54 -12.60
CA TRP A 269 -13.87 -0.37 -13.53
C TRP A 269 -15.28 -0.01 -14.04
N HIS A 270 -16.35 -0.53 -13.45
CA HIS A 270 -17.72 0.01 -13.67
C HIS A 270 -17.70 1.50 -13.35
N ALA A 271 -18.29 2.32 -14.20
CA ALA A 271 -18.40 3.79 -14.04
C ALA A 271 -19.07 4.10 -12.70
N ALA A 272 -20.20 3.45 -12.42
CA ALA A 272 -21.03 3.66 -11.21
C ALA A 272 -20.34 3.00 -10.00
N PRO A 273 -19.97 3.75 -8.95
CA PRO A 273 -19.24 3.17 -7.82
C PRO A 273 -20.03 2.04 -7.12
N SER A 274 -21.33 2.20 -7.03
CA SER A 274 -22.19 1.20 -6.43
C SER A 274 -22.27 -0.07 -7.24
N GLN A 275 -21.71 -0.06 -8.42
CA GLN A 275 -21.71 -1.23 -9.26
C GLN A 275 -20.46 -2.04 -9.11
N ARG A 276 -19.42 -1.46 -8.55
CA ARG A 276 -18.19 -2.17 -8.35
C ARG A 276 -18.29 -3.11 -7.15
N PRO A 277 -17.47 -4.14 -7.11
CA PRO A 277 -17.41 -5.04 -5.96
C PRO A 277 -16.95 -4.29 -4.70
N THR A 278 -17.39 -4.78 -3.54
CA THR A 278 -16.82 -4.40 -2.22
C THR A 278 -15.49 -5.15 -2.04
N PHE A 279 -14.63 -4.69 -1.13
CA PHE A 279 -13.38 -5.41 -0.79
C PHE A 279 -13.73 -6.78 -0.19
N LYS A 280 -14.85 -6.88 0.52
CA LYS A 280 -15.38 -8.18 0.97
C LYS A 280 -15.54 -9.10 -0.24
N GLN A 281 -16.24 -8.65 -1.29
CA GLN A 281 -16.54 -9.48 -2.49
C GLN A 281 -15.26 -9.81 -3.26
N LEU A 282 -14.27 -8.91 -3.26
CA LEU A 282 -12.98 -9.15 -3.98
C LEU A 282 -12.22 -10.26 -3.25
N VAL A 283 -12.16 -10.19 -1.92
CA VAL A 283 -11.54 -11.22 -1.05
C VAL A 283 -12.19 -12.58 -1.35
N GLU A 284 -13.53 -12.64 -1.41
CA GLU A 284 -14.29 -13.89 -1.66
C GLU A 284 -13.98 -14.39 -3.07
N ALA A 285 -14.00 -13.51 -4.07
CA ALA A 285 -13.73 -13.88 -5.48
C ALA A 285 -12.33 -14.47 -5.62
N LEU A 286 -11.32 -13.82 -5.07
CA LEU A 286 -9.90 -14.25 -5.21
C LEU A 286 -9.66 -15.53 -4.40
N ASP A 287 -10.33 -15.64 -3.25
CA ASP A 287 -10.38 -16.86 -2.41
C ASP A 287 -10.83 -18.04 -3.29
N LYS A 288 -11.88 -17.85 -4.09
CA LYS A 288 -12.50 -18.96 -4.86
C LYS A 288 -11.51 -19.45 -5.92
N VAL A 289 -10.73 -18.53 -6.51
CA VAL A 289 -9.73 -18.85 -7.56
C VAL A 289 -8.62 -19.70 -6.92
N LEU A 290 -8.13 -19.29 -5.74
CA LEU A 290 -7.05 -20.01 -5.02
C LEU A 290 -7.55 -21.37 -4.50
N LEU A 291 -8.80 -21.47 -4.07
CA LEU A 291 -9.38 -22.77 -3.62
C LEU A 291 -9.48 -23.70 -4.83
N ALA A 292 -9.86 -23.17 -5.99
CA ALA A 292 -10.08 -23.95 -7.24
C ALA A 292 -8.74 -24.55 -7.70
N VAL A 293 -7.63 -23.84 -7.44
CA VAL A 293 -6.25 -24.37 -7.60
C VAL A 293 -5.97 -25.33 -6.43
C1 XL7 B . 4.63 3.68 6.14
C2 XL7 B . 5.77 3.28 5.45
C3 XL7 B . 7.03 3.78 5.78
C4 XL7 B . 7.12 4.68 6.84
C5 XL7 B . 5.98 5.10 7.53
C6 XL7 B . 4.74 4.61 7.17
O1 XL7 B . 3.42 3.18 5.76
O2 XL7 B . 6.17 5.99 8.55
C7 XL7 B . 2.49 2.80 6.77
C8 XL7 B . 5.02 6.49 9.22
C9 XL7 B . 8.26 3.31 5.04
O3 XL7 B . 8.57 1.98 5.49
C10 XL7 B . 9.29 1.14 4.66
C11 XL7 B . 10.24 1.60 3.77
N1 XL7 B . 10.91 0.75 2.99
C12 XL7 B . 10.62 -0.56 3.12
N2 XL7 B . 9.72 -1.08 3.97
C13 XL7 B . 9.06 -0.22 4.74
CL1 XL7 B . 5.62 2.16 4.14
CL2 XL7 B . 8.67 5.30 7.31
N3 XL7 B . 11.29 -1.45 2.32
C14 XL7 B . 12.28 -1.20 1.35
C15 XL7 B . 13.59 -1.66 1.57
C16 XL7 B . 14.56 -1.39 0.59
C17 XL7 B . 14.20 -0.69 -0.54
C18 XL7 B . 12.92 -0.24 -0.77
C19 XL7 B . 11.96 -0.49 0.19
CL3 XL7 B . 10.34 0.06 -0.10
F1 XL7 B . 15.15 -0.45 -1.48
N4 XL7 B . 13.90 -2.35 2.75
C20 XL7 B . 15.08 -2.44 3.38
C21 XL7 B . 15.08 -3.26 4.61
O4 XL7 B . 16.09 -1.86 2.98
C22 XL7 B . 13.87 -3.45 5.46
S SO4 C . 6.20 -1.74 -19.22
O1 SO4 C . 7.08 -1.13 -20.19
O2 SO4 C . 5.01 -0.95 -19.09
O3 SO4 C . 6.87 -1.83 -17.96
O4 SO4 C . 5.85 -3.08 -19.67
#